data_4ZHO
#
_entry.id   4ZHO
#
_cell.length_a   60.730
_cell.length_b   60.730
_cell.length_c   154.730
_cell.angle_alpha   90.00
_cell.angle_beta   90.00
_cell.angle_gamma   90.00
#
_symmetry.space_group_name_H-M   'P 42 21 2'
#
loop_
_entity.id
_entity.type
_entity.pdbx_description
1 polymer 'Ferredoxin-2, chloroplastic'
2 non-polymer 'FE2/S2 (INORGANIC) CLUSTER'
3 non-polymer 'CHLORIDE ION'
4 water water
#
_entity_poly.entity_id   1
_entity_poly.type   'polypeptide(L)'
_entity_poly.pdbx_seq_one_letter_code
;MATYKVKFITPEGELEVECDDDVYVLDAAEEAGIDLPYSCRAGSCSSCAGKVVSGSVDQSDQSFLDDEQIGEGFVLTCAA
YPTSDVTIETHKEEAIMLEHHHHHH
;
_entity_poly.pdbx_strand_id   A,B
#
loop_
_chem_comp.id
_chem_comp.type
_chem_comp.name
_chem_comp.formula
CL non-polymer 'CHLORIDE ION' 'Cl -1'
FES non-polymer 'FE2/S2 (INORGANIC) CLUSTER' 'Fe2 S2'
#
# COMPACT_ATOMS: atom_id res chain seq x y z
N ALA A 2 29.99 -6.61 2.38
CA ALA A 2 30.06 -5.44 1.47
C ALA A 2 29.14 -4.34 1.93
N THR A 3 29.52 -3.13 1.61
CA THR A 3 28.78 -1.92 1.92
C THR A 3 28.70 -1.16 0.64
N TYR A 4 27.53 -0.65 0.35
CA TYR A 4 27.27 0.04 -0.92
C TYR A 4 26.81 1.48 -0.66
N LYS A 5 27.05 2.35 -1.63
CA LYS A 5 26.60 3.74 -1.57
C LYS A 5 25.23 3.83 -2.20
N VAL A 6 24.25 4.23 -1.42
CA VAL A 6 22.93 4.43 -1.95
C VAL A 6 22.72 5.94 -2.09
N LYS A 7 22.52 6.38 -3.32
CA LYS A 7 22.24 7.76 -3.62
C LYS A 7 20.73 7.91 -3.75
N PHE A 8 20.15 8.70 -2.87
CA PHE A 8 18.73 9.01 -2.98
C PHE A 8 18.47 10.31 -3.70
N ILE A 9 17.63 10.25 -4.70
CA ILE A 9 17.17 11.50 -5.36
C ILE A 9 15.81 11.74 -4.79
N THR A 10 15.72 12.74 -3.92
CA THR A 10 14.46 13.02 -3.25
C THR A 10 13.86 14.30 -3.84
N PRO A 11 12.60 14.59 -3.55
CA PRO A 11 12.01 15.86 -4.01
C PRO A 11 12.70 17.11 -3.51
N GLU A 12 13.41 16.99 -2.37
CA GLU A 12 14.26 18.05 -1.74
C GLU A 12 15.69 18.08 -2.34
N GLY A 13 16.21 16.92 -2.76
CA GLY A 13 17.51 16.87 -3.39
C GLY A 13 18.20 15.53 -3.27
N GLU A 14 19.49 15.52 -3.58
CA GLU A 14 20.25 14.28 -3.69
C GLU A 14 21.18 14.11 -2.53
N LEU A 15 21.17 12.92 -1.94
CA LEU A 15 21.83 12.56 -0.69
C LEU A 15 22.31 11.13 -0.84
N GLU A 16 23.45 10.81 -0.26
CA GLU A 16 24.01 9.47 -0.38
C GLU A 16 24.33 8.93 0.99
N VAL A 17 24.05 7.67 1.25
CA VAL A 17 24.36 7.08 2.55
C VAL A 17 25.05 5.79 2.25
N GLU A 18 25.71 5.23 3.23
CA GLU A 18 26.21 3.87 3.12
C GLU A 18 25.16 2.91 3.63
N CYS A 19 25.07 1.75 3.01
CA CYS A 19 24.11 0.75 3.29
C CYS A 19 24.79 -0.58 3.12
N ASP A 20 24.81 -1.37 4.21
CA ASP A 20 25.37 -2.70 4.16
C ASP A 20 24.53 -3.58 3.23
N ASP A 21 25.16 -4.63 2.69
CA ASP A 21 24.45 -5.51 1.72
C ASP A 21 23.31 -6.37 2.27
N ASP A 22 23.17 -6.44 3.59
CA ASP A 22 22.03 -7.11 4.21
C ASP A 22 21.28 -6.13 5.13
N VAL A 23 21.29 -4.83 4.77
CA VAL A 23 20.44 -3.82 5.37
C VAL A 23 19.56 -3.25 4.28
N TYR A 24 18.26 -3.18 4.58
CA TYR A 24 17.26 -2.58 3.70
C TYR A 24 17.55 -1.11 3.54
N VAL A 25 17.44 -0.68 2.33
CA VAL A 25 17.69 0.69 1.95
C VAL A 25 17.00 1.75 2.80
N LEU A 26 15.71 1.54 3.07
CA LEU A 26 14.93 2.45 3.93
C LEU A 26 15.56 2.58 5.28
N ASP A 27 16.02 1.47 5.84
CA ASP A 27 16.65 1.51 7.19
C ASP A 27 18.00 2.22 7.19
N ALA A 28 18.79 2.11 6.13
CA ALA A 28 20.01 2.93 6.05
C ALA A 28 19.66 4.44 5.97
N ALA A 29 18.62 4.80 5.21
CA ALA A 29 18.17 6.18 5.14
C ALA A 29 17.74 6.70 6.48
N GLU A 30 16.95 5.93 7.20
CA GLU A 30 16.47 6.32 8.52
C GLU A 30 17.58 6.37 9.52
N GLU A 31 18.47 5.39 9.50
CA GLU A 31 19.71 5.46 10.29
C GLU A 31 20.52 6.75 9.99
N ALA A 32 20.41 7.36 8.79
CA ALA A 32 21.18 8.62 8.45
C ALA A 32 20.43 9.90 8.72
N GLY A 33 19.19 9.77 9.16
CA GLY A 33 18.38 10.90 9.49
C GLY A 33 17.49 11.35 8.37
N ILE A 34 17.23 10.49 7.36
CA ILE A 34 16.40 10.83 6.21
C ILE A 34 14.99 10.24 6.39
N ASP A 35 13.96 11.07 6.29
CA ASP A 35 12.57 10.60 6.52
C ASP A 35 11.90 10.31 5.17
N LEU A 36 11.95 9.05 4.83
CA LEU A 36 11.36 8.56 3.64
C LEU A 36 10.06 7.85 4.04
N PRO A 37 9.10 7.84 3.12
CA PRO A 37 7.81 7.40 3.52
C PRO A 37 7.78 5.86 3.65
N TYR A 38 6.94 5.40 4.56
CA TYR A 38 6.68 3.99 4.67
C TYR A 38 5.31 3.83 5.32
N SER A 39 4.81 2.60 5.26
CA SER A 39 3.61 2.28 6.07
C SER A 39 3.68 0.82 6.54
N CYS A 40 3.65 -0.18 5.64
CA CYS A 40 3.65 -1.59 6.11
C CYS A 40 5.00 -2.12 6.54
N ARG A 41 6.09 -1.62 5.94
CA ARG A 41 7.43 -2.11 6.24
C ARG A 41 7.61 -3.59 6.00
N ALA A 42 6.80 -4.16 5.10
CA ALA A 42 6.71 -5.62 4.92
C ALA A 42 6.64 -6.02 3.46
N GLY A 43 6.82 -5.08 2.57
CA GLY A 43 6.87 -5.45 1.17
C GLY A 43 5.55 -5.60 0.49
N SER A 44 4.48 -5.19 1.15
CA SER A 44 3.12 -5.42 0.61
C SER A 44 2.24 -4.18 0.47
N CYS A 45 2.83 -3.02 0.24
CA CYS A 45 2.09 -1.81 0.01
C CYS A 45 2.91 -0.84 -0.88
N SER A 46 2.30 0.31 -1.21
CA SER A 46 2.84 1.22 -2.19
C SER A 46 3.70 2.30 -1.55
N SER A 47 3.76 2.34 -0.23
CA SER A 47 4.13 3.57 0.46
C SER A 47 5.61 3.99 0.34
N CYS A 48 6.51 3.01 0.36
CA CYS A 48 7.95 3.27 0.34
C CYS A 48 8.55 3.16 -1.06
N ALA A 49 7.71 3.20 -2.09
CA ALA A 49 8.18 2.87 -3.41
C ALA A 49 9.20 3.88 -3.91
N GLY A 50 10.15 3.39 -4.70
CA GLY A 50 11.11 4.26 -5.39
C GLY A 50 11.42 3.72 -6.77
N LYS A 51 12.35 4.35 -7.44
CA LYS A 51 12.75 3.88 -8.75
C LYS A 51 14.26 3.82 -8.86
N VAL A 52 14.75 2.63 -9.17
CA VAL A 52 16.16 2.42 -9.44
C VAL A 52 16.52 3.05 -10.76
N VAL A 53 17.38 4.07 -10.70
CA VAL A 53 17.84 4.75 -11.91
C VAL A 53 19.27 4.31 -12.31
N SER A 54 20.02 3.70 -11.42
CA SER A 54 21.36 3.17 -11.71
C SER A 54 21.72 2.14 -10.61
N GLY A 55 22.38 1.06 -11.04
CA GLY A 55 22.71 -0.05 -10.18
C GLY A 55 21.62 -1.10 -10.02
N SER A 56 21.73 -1.89 -8.95
CA SER A 56 20.84 -3.01 -8.73
C SER A 56 20.53 -3.19 -7.25
N VAL A 57 19.44 -3.91 -7.00
CA VAL A 57 19.00 -4.25 -5.64
C VAL A 57 18.54 -5.68 -5.69
N ASP A 58 18.43 -6.26 -4.51
CA ASP A 58 17.81 -7.55 -4.31
C ASP A 58 16.56 -7.25 -3.54
N GLN A 59 15.42 -7.39 -4.18
CA GLN A 59 14.14 -7.13 -3.51
C GLN A 59 13.20 -8.30 -3.71
N SER A 60 13.75 -9.49 -3.55
CA SER A 60 13.01 -10.75 -3.46
C SER A 60 12.14 -10.91 -2.18
N ASP A 61 12.35 -10.11 -1.14
CA ASP A 61 11.41 -10.10 0.00
C ASP A 61 10.18 -9.21 -0.28
N GLN A 62 10.15 -8.45 -1.38
CA GLN A 62 8.95 -7.68 -1.74
C GLN A 62 7.92 -8.56 -2.42
N SER A 63 6.64 -8.22 -2.25
CA SER A 63 5.55 -8.87 -2.97
C SER A 63 4.68 -7.91 -3.79
N PHE A 64 4.55 -6.66 -3.37
CA PHE A 64 3.51 -5.81 -3.93
C PHE A 64 3.67 -5.52 -5.44
N LEU A 65 4.91 -5.35 -5.96
CA LEU A 65 5.12 -4.93 -7.36
C LEU A 65 4.91 -6.05 -8.44
N ASP A 66 4.18 -5.70 -9.53
CA ASP A 66 3.97 -6.45 -10.83
C ASP A 66 5.40 -6.59 -11.46
N ASP A 67 5.69 -7.69 -12.15
CA ASP A 67 6.99 -7.83 -12.81
C ASP A 67 7.16 -6.74 -13.85
N GLU A 68 6.08 -6.30 -14.49
CA GLU A 68 6.18 -5.10 -15.33
C GLU A 68 6.82 -3.94 -14.49
N GLN A 69 6.32 -3.75 -13.27
CA GLN A 69 6.79 -2.69 -12.40
C GLN A 69 8.25 -2.86 -11.98
N ILE A 70 8.67 -4.08 -11.64
CA ILE A 70 10.09 -4.35 -11.37
C ILE A 70 10.98 -4.19 -12.61
N GLY A 71 10.54 -4.71 -13.75
CA GLY A 71 11.17 -4.49 -15.02
C GLY A 71 11.37 -3.02 -15.36
N GLU A 72 10.40 -2.16 -15.01
CA GLU A 72 10.55 -0.70 -15.24
C GLU A 72 11.47 -0.02 -14.20
N GLY A 73 11.83 -0.73 -13.14
CA GLY A 73 12.79 -0.24 -12.15
C GLY A 73 12.27 0.11 -10.76
N PHE A 74 10.98 -0.13 -10.48
CA PHE A 74 10.42 0.27 -9.19
C PHE A 74 10.94 -0.67 -8.15
N VAL A 75 11.09 -0.14 -6.93
CA VAL A 75 11.62 -0.88 -5.78
C VAL A 75 10.85 -0.48 -4.55
N LEU A 76 10.64 -1.41 -3.63
CA LEU A 76 10.09 -1.11 -2.35
C LEU A 76 11.23 -1.03 -1.40
N THR A 77 11.45 0.19 -0.93
CA THR A 77 12.68 0.47 -0.21
C THR A 77 12.76 -0.23 1.10
N CYS A 78 11.60 -0.57 1.70
CA CYS A 78 11.59 -1.23 3.04
C CYS A 78 12.00 -2.69 2.85
N ALA A 79 12.05 -3.15 1.60
CA ALA A 79 12.26 -4.56 1.36
C ALA A 79 13.44 -4.82 0.40
N ALA A 80 14.28 -3.81 0.13
CA ALA A 80 15.32 -3.91 -0.90
C ALA A 80 16.73 -3.73 -0.27
N TYR A 81 17.58 -4.72 -0.58
CA TYR A 81 19.01 -4.69 -0.24
C TYR A 81 19.76 -4.16 -1.44
N PRO A 82 20.72 -3.24 -1.21
CA PRO A 82 21.58 -2.88 -2.33
C PRO A 82 22.46 -4.07 -2.74
N THR A 83 22.70 -4.27 -4.04
CA THR A 83 23.70 -5.26 -4.51
C THR A 83 24.83 -4.64 -5.30
N SER A 84 24.81 -3.31 -5.40
CA SER A 84 25.87 -2.54 -5.99
C SER A 84 25.59 -1.14 -5.46
N ASP A 85 26.48 -0.20 -5.74
CA ASP A 85 26.18 1.19 -5.50
C ASP A 85 24.94 1.42 -6.34
N VAL A 86 24.03 2.20 -5.82
CA VAL A 86 22.73 2.29 -6.48
C VAL A 86 22.14 3.64 -6.27
N THR A 87 21.41 4.13 -7.27
CA THR A 87 20.76 5.40 -7.21
C THR A 87 19.28 5.14 -7.29
N ILE A 88 18.53 5.75 -6.39
CA ILE A 88 17.13 5.51 -6.24
C ILE A 88 16.35 6.82 -6.14
N GLU A 89 15.41 7.07 -7.05
CA GLU A 89 14.45 8.16 -6.91
C GLU A 89 13.38 7.75 -5.93
N THR A 90 13.15 8.57 -4.89
CA THR A 90 12.25 8.22 -3.83
C THR A 90 10.84 8.77 -4.09
N HIS A 91 9.88 8.47 -3.20
CA HIS A 91 8.52 9.09 -3.28
C HIS A 91 7.88 8.84 -4.64
N LYS A 92 7.98 7.61 -5.13
CA LYS A 92 7.28 7.22 -6.32
C LYS A 92 5.97 6.46 -6.06
N GLU A 93 5.41 6.50 -4.85
CA GLU A 93 4.06 5.90 -4.60
C GLU A 93 3.05 6.26 -5.68
N GLU A 94 2.99 7.51 -6.08
CA GLU A 94 1.93 7.94 -6.98
C GLU A 94 2.02 7.25 -8.34
N ALA A 95 3.25 7.00 -8.78
CA ALA A 95 3.52 6.48 -10.12
C ALA A 95 3.19 5.01 -10.19
N ILE A 96 3.30 4.28 -9.08
CA ILE A 96 2.94 2.86 -9.07
C ILE A 96 1.49 2.64 -8.60
N MET A 97 0.74 3.70 -8.34
CA MET A 97 -0.71 3.57 -8.26
C MET A 97 -1.25 4.03 -9.61
N LEU A 98 -1.09 5.33 -9.93
CA LEU A 98 -1.80 6.04 -11.03
C LEU A 98 -1.26 5.82 -12.46
N ALA B 2 -5.85 -15.95 -5.76
CA ALA B 2 -5.60 -14.60 -6.34
C ALA B 2 -5.23 -13.58 -5.27
N THR B 3 -4.43 -12.62 -5.69
CA THR B 3 -4.09 -11.46 -4.88
C THR B 3 -4.37 -10.19 -5.68
N TYR B 4 -5.16 -9.31 -5.09
CA TYR B 4 -5.59 -8.07 -5.68
C TYR B 4 -4.94 -6.92 -4.98
N LYS B 5 -5.01 -5.78 -5.59
CA LYS B 5 -4.48 -4.54 -5.06
C LYS B 5 -5.68 -3.72 -4.66
N VAL B 6 -5.69 -3.25 -3.43
CA VAL B 6 -6.75 -2.46 -2.91
C VAL B 6 -6.13 -1.12 -2.58
N LYS B 7 -6.66 -0.07 -3.18
CA LYS B 7 -6.20 1.27 -2.97
C LYS B 7 -7.20 1.97 -2.08
N PHE B 8 -6.72 2.45 -0.93
CA PHE B 8 -7.55 3.14 0.01
C PHE B 8 -7.36 4.59 -0.15
N ILE B 9 -8.47 5.32 -0.35
CA ILE B 9 -8.42 6.78 -0.26
C ILE B 9 -8.98 7.15 1.08
N THR B 10 -8.12 7.52 2.02
CA THR B 10 -8.54 7.85 3.36
C THR B 10 -8.60 9.37 3.44
N PRO B 11 -9.16 9.89 4.53
CA PRO B 11 -9.13 11.36 4.65
C PRO B 11 -7.69 11.85 4.72
N GLU B 12 -6.83 11.05 5.31
CA GLU B 12 -5.44 11.46 5.52
C GLU B 12 -4.58 11.19 4.28
N GLY B 13 -5.09 10.44 3.31
CA GLY B 13 -4.36 10.20 2.07
C GLY B 13 -4.58 8.82 1.51
N GLU B 14 -3.69 8.41 0.65
CA GLU B 14 -3.88 7.25 -0.21
C GLU B 14 -2.80 6.23 0.09
N LEU B 15 -3.16 4.97 -0.03
CA LEU B 15 -2.23 3.85 0.10
C LEU B 15 -2.87 2.65 -0.61
N GLU B 16 -2.05 1.90 -1.35
CA GLU B 16 -2.48 0.69 -2.04
C GLU B 16 -1.82 -0.49 -1.35
N VAL B 17 -2.59 -1.58 -1.16
CA VAL B 17 -2.10 -2.72 -0.46
C VAL B 17 -2.49 -3.96 -1.22
N GLU B 18 -1.79 -5.03 -0.89
CA GLU B 18 -2.11 -6.36 -1.33
C GLU B 18 -3.17 -6.98 -0.41
N CYS B 19 -4.12 -7.68 -1.01
CA CYS B 19 -5.16 -8.33 -0.26
C CYS B 19 -5.47 -9.62 -1.01
N ASP B 20 -5.25 -10.77 -0.38
CA ASP B 20 -5.67 -12.03 -0.99
C ASP B 20 -7.17 -12.08 -1.11
N ASP B 21 -7.65 -12.95 -2.00
CA ASP B 21 -9.09 -13.07 -2.27
C ASP B 21 -9.95 -13.63 -1.13
N ASP B 22 -9.31 -14.16 -0.09
CA ASP B 22 -9.96 -14.66 1.09
C ASP B 22 -9.63 -13.80 2.29
N VAL B 23 -9.13 -12.57 2.09
CA VAL B 23 -8.89 -11.63 3.19
C VAL B 23 -9.82 -10.43 3.05
N TYR B 24 -10.53 -10.15 4.14
CA TYR B 24 -11.33 -8.96 4.17
C TYR B 24 -10.41 -7.73 4.00
N VAL B 25 -10.93 -6.78 3.26
CA VAL B 25 -10.26 -5.51 2.88
C VAL B 25 -9.85 -4.77 4.14
N LEU B 26 -10.66 -4.87 5.20
CA LEU B 26 -10.33 -4.18 6.46
C LEU B 26 -9.03 -4.78 7.07
N ASP B 27 -8.93 -6.09 7.04
CA ASP B 27 -7.79 -6.82 7.58
C ASP B 27 -6.49 -6.49 6.82
N ALA B 28 -6.54 -6.44 5.50
CA ALA B 28 -5.41 -6.11 4.67
C ALA B 28 -4.99 -4.70 5.03
N ALA B 29 -5.96 -3.81 5.20
CA ALA B 29 -5.64 -2.45 5.62
C ALA B 29 -4.87 -2.40 6.94
N GLU B 30 -5.36 -3.13 7.92
CA GLU B 30 -4.75 -3.12 9.24
C GLU B 30 -3.40 -3.75 9.20
N GLU B 31 -3.26 -4.85 8.43
CA GLU B 31 -1.96 -5.50 8.23
C GLU B 31 -0.93 -4.49 7.63
N ALA B 32 -1.37 -3.57 6.78
CA ALA B 32 -0.52 -2.54 6.18
C ALA B 32 -0.25 -1.29 7.02
N GLY B 33 -0.79 -1.19 8.24
CA GLY B 33 -0.51 -0.06 9.16
C GLY B 33 -1.49 1.11 9.12
N ILE B 34 -2.65 0.91 8.49
CA ILE B 34 -3.70 1.93 8.42
C ILE B 34 -4.74 1.62 9.49
N ASP B 35 -5.21 2.66 10.16
CA ASP B 35 -6.26 2.47 11.16
C ASP B 35 -7.52 3.00 10.54
N LEU B 36 -8.43 2.09 10.25
CA LEU B 36 -9.74 2.41 9.72
C LEU B 36 -10.79 2.08 10.79
N PRO B 37 -11.92 2.77 10.75
CA PRO B 37 -12.90 2.60 11.79
C PRO B 37 -13.58 1.24 11.66
N TYR B 38 -14.03 0.71 12.79
CA TYR B 38 -14.87 -0.48 12.79
C TYR B 38 -15.60 -0.55 14.13
N SER B 39 -16.57 -1.46 14.29
CA SER B 39 -17.19 -1.72 15.57
C SER B 39 -17.42 -3.25 15.70
N CYS B 40 -18.47 -3.77 15.07
CA CYS B 40 -18.85 -5.16 15.16
C CYS B 40 -17.88 -6.14 14.43
N ARG B 41 -17.23 -5.64 13.38
CA ARG B 41 -16.39 -6.42 12.48
C ARG B 41 -17.10 -7.64 11.95
N ALA B 42 -18.38 -7.50 11.67
CA ALA B 42 -19.23 -8.67 11.41
C ALA B 42 -20.31 -8.46 10.36
N GLY B 43 -20.26 -7.30 9.73
CA GLY B 43 -21.20 -6.97 8.67
C GLY B 43 -22.53 -6.39 9.08
N SER B 44 -22.71 -6.13 10.35
CA SER B 44 -24.02 -5.71 10.83
C SER B 44 -24.07 -4.28 11.39
N CYS B 45 -23.15 -3.43 10.96
CA CYS B 45 -23.24 -2.03 11.33
C CYS B 45 -22.75 -1.17 10.18
N SER B 46 -22.57 0.11 10.44
CA SER B 46 -22.16 1.02 9.43
C SER B 46 -20.76 1.60 9.70
N SER B 47 -20.05 1.09 10.71
CA SER B 47 -18.81 1.78 11.17
C SER B 47 -17.67 1.75 10.19
N CYS B 48 -17.51 0.63 9.49
CA CYS B 48 -16.35 0.46 8.58
C CYS B 48 -16.74 0.79 7.11
N ALA B 49 -17.81 1.56 6.92
CA ALA B 49 -18.32 1.80 5.59
C ALA B 49 -17.30 2.58 4.79
N GLY B 50 -17.13 2.17 3.54
CA GLY B 50 -16.50 3.03 2.52
C GLY B 50 -17.32 2.97 1.26
N LYS B 51 -16.70 3.41 0.17
CA LYS B 51 -17.36 3.49 -1.12
C LYS B 51 -16.37 3.01 -2.19
N VAL B 52 -16.78 2.04 -2.97
CA VAL B 52 -16.01 1.53 -4.08
C VAL B 52 -16.04 2.58 -5.18
N VAL B 53 -14.87 3.08 -5.54
CA VAL B 53 -14.70 3.96 -6.69
C VAL B 53 -14.52 3.20 -8.01
N SER B 54 -13.78 2.10 -8.00
CA SER B 54 -13.61 1.27 -9.17
C SER B 54 -13.22 -0.11 -8.78
N GLY B 55 -13.49 -1.05 -9.66
CA GLY B 55 -13.34 -2.48 -9.40
C GLY B 55 -14.50 -3.04 -8.57
N SER B 56 -14.32 -4.26 -8.07
CA SER B 56 -15.40 -4.96 -7.39
C SER B 56 -14.97 -5.64 -6.09
N VAL B 57 -15.96 -5.82 -5.25
CA VAL B 57 -15.80 -6.56 -3.99
C VAL B 57 -16.93 -7.57 -3.91
N ASP B 58 -16.68 -8.65 -3.19
CA ASP B 58 -17.68 -9.64 -2.81
C ASP B 58 -18.01 -9.30 -1.33
N GLN B 59 -19.21 -8.81 -1.08
CA GLN B 59 -19.62 -8.55 0.28
C GLN B 59 -20.92 -9.23 0.67
N SER B 60 -21.02 -10.49 0.31
CA SER B 60 -22.21 -11.24 0.58
C SER B 60 -22.30 -11.61 2.08
N ASP B 61 -21.19 -11.50 2.79
CA ASP B 61 -21.15 -11.68 4.25
C ASP B 61 -21.66 -10.44 5.04
N GLN B 62 -22.07 -9.37 4.34
CA GLN B 62 -22.55 -8.15 4.98
C GLN B 62 -24.05 -8.26 5.14
N SER B 63 -24.64 -7.39 5.94
CA SER B 63 -26.10 -7.41 6.16
C SER B 63 -26.75 -6.06 6.41
N PHE B 64 -25.97 -5.02 6.67
CA PHE B 64 -26.54 -3.79 7.16
C PHE B 64 -26.93 -2.91 6.00
N LEU B 65 -26.11 -2.91 4.95
CA LEU B 65 -26.41 -2.10 3.78
C LEU B 65 -27.59 -2.72 2.99
N ASP B 66 -28.54 -1.86 2.56
CA ASP B 66 -29.62 -2.22 1.62
C ASP B 66 -29.12 -2.17 0.16
N ASP B 67 -29.95 -2.54 -0.82
CA ASP B 67 -29.41 -2.65 -2.18
C ASP B 67 -29.29 -1.29 -2.90
N GLU B 68 -30.19 -0.37 -2.64
CA GLU B 68 -29.99 1.03 -3.04
C GLU B 68 -28.52 1.40 -2.81
N GLN B 69 -28.06 1.17 -1.57
CA GLN B 69 -26.72 1.58 -1.10
C GLN B 69 -25.50 0.84 -1.70
N ILE B 70 -25.64 -0.45 -1.91
CA ILE B 70 -24.68 -1.18 -2.65
C ILE B 70 -24.56 -0.64 -4.07
N GLY B 71 -25.72 -0.43 -4.72
CA GLY B 71 -25.79 0.09 -6.08
C GLY B 71 -25.07 1.42 -6.20
N GLU B 72 -25.11 2.24 -5.17
CA GLU B 72 -24.31 3.46 -5.15
C GLU B 72 -22.84 3.16 -4.78
N GLY B 73 -22.46 1.89 -4.75
CA GLY B 73 -21.07 1.48 -4.42
C GLY B 73 -20.62 1.42 -2.98
N PHE B 74 -21.54 1.48 -2.02
CA PHE B 74 -21.15 1.39 -0.61
C PHE B 74 -20.70 0.01 -0.21
N VAL B 75 -19.71 -0.04 0.68
CA VAL B 75 -19.11 -1.31 1.07
C VAL B 75 -18.87 -1.35 2.58
N LEU B 76 -19.15 -2.48 3.21
CA LEU B 76 -18.67 -2.70 4.54
C LEU B 76 -17.30 -3.39 4.48
N THR B 77 -16.26 -2.66 4.85
CA THR B 77 -14.86 -3.09 4.70
C THR B 77 -14.50 -4.31 5.53
N CYS B 78 -15.22 -4.50 6.66
CA CYS B 78 -14.93 -5.70 7.50
C CYS B 78 -15.52 -6.98 6.92
N ALA B 79 -16.40 -6.92 5.93
CA ALA B 79 -17.03 -8.12 5.43
C ALA B 79 -16.99 -8.22 3.89
N ALA B 80 -15.97 -7.59 3.31
CA ALA B 80 -15.83 -7.39 1.86
C ALA B 80 -14.48 -7.98 1.44
N TYR B 81 -14.52 -8.99 0.57
CA TYR B 81 -13.37 -9.51 -0.14
C TYR B 81 -13.19 -8.82 -1.47
N PRO B 82 -11.91 -8.53 -1.88
CA PRO B 82 -11.76 -7.95 -3.22
C PRO B 82 -12.10 -9.03 -4.24
N THR B 83 -12.72 -8.66 -5.34
CA THR B 83 -12.81 -9.58 -6.50
C THR B 83 -12.14 -9.01 -7.78
N SER B 84 -11.50 -7.85 -7.66
CA SER B 84 -10.62 -7.34 -8.72
C SER B 84 -9.70 -6.41 -7.95
N ASP B 85 -8.75 -5.78 -8.63
CA ASP B 85 -8.08 -4.62 -8.08
C ASP B 85 -9.17 -3.58 -7.94
N VAL B 86 -9.13 -2.83 -6.86
CA VAL B 86 -10.26 -2.12 -6.44
C VAL B 86 -9.79 -0.91 -5.68
N THR B 87 -10.49 0.19 -5.84
CA THR B 87 -10.23 1.43 -5.14
C THR B 87 -11.42 1.71 -4.24
N ILE B 88 -11.16 2.01 -2.97
CA ILE B 88 -12.20 2.20 -1.96
C ILE B 88 -11.93 3.53 -1.21
N GLU B 89 -12.91 4.43 -1.18
CA GLU B 89 -12.85 5.61 -0.28
C GLU B 89 -13.32 5.18 1.09
N THR B 90 -12.59 5.57 2.12
CA THR B 90 -12.89 5.16 3.49
C THR B 90 -13.62 6.25 4.32
N HIS B 91 -14.02 5.89 5.55
CA HIS B 91 -14.67 6.81 6.50
C HIS B 91 -15.96 7.37 5.97
N LYS B 92 -16.84 6.48 5.50
CA LYS B 92 -18.10 6.86 4.83
C LYS B 92 -19.34 6.58 5.69
N GLU B 93 -19.15 6.24 6.96
CA GLU B 93 -20.26 6.01 7.84
C GLU B 93 -21.25 7.18 7.73
N GLU B 94 -20.76 8.41 7.85
CA GLU B 94 -21.63 9.61 7.84
C GLU B 94 -22.69 9.56 6.70
N ALA B 95 -22.29 9.05 5.53
CA ALA B 95 -23.16 9.00 4.37
C ALA B 95 -24.24 7.92 4.47
N ILE B 96 -23.97 6.86 5.22
CA ILE B 96 -24.89 5.72 5.43
C ILE B 96 -25.77 5.95 6.65
N MET B 97 -25.90 7.19 7.09
CA MET B 97 -26.96 7.55 8.04
C MET B 97 -27.81 8.72 7.49
N LEU B 98 -27.17 9.71 6.85
CA LEU B 98 -27.84 10.87 6.19
C LEU B 98 -29.35 10.70 5.86
FE1 FES C . 4.78 -1.09 2.63
FE2 FES C . 7.50 -0.74 2.03
S1 FES C . 6.26 0.37 3.47
S2 FES C . 6.00 -1.96 1.01
CL CL D . 29.05 -1.07 -7.47
FE1 FES E . -19.69 -3.26 11.74
FE2 FES E . -17.96 -3.49 9.53
S1 FES E . -17.56 -2.81 11.54
S2 FES E . -20.09 -3.69 9.67
CL CL F . -8.49 -6.84 -11.75
#